data_5KP7
#
_entry.id   5KP7
#
_cell.length_a   101.117
_cell.length_b   101.117
_cell.length_c   104.595
_cell.angle_alpha   90.000
_cell.angle_beta   90.000
_cell.angle_gamma   120.000
#
_symmetry.space_group_name_H-M   'P 31 2 1'
#
loop_
_entity.id
_entity.type
_entity.pdbx_description
1 polymer CurD
2 polymer CurB
3 non-polymer 'SULFATE ION'
4 non-polymer "4'-PHOSPHOPANTETHEINE"
5 water water
#
loop_
_entity_poly.entity_id
_entity_poly.type
_entity_poly.pdbx_seq_one_letter_code
_entity_poly.pdbx_strand_id
1 'polypeptide(L)'
;MHHHHHHSSGVDLGTENLYFQSNAMQQVGIEALSVYGGAAQLELRKLAQARQLDISRFDNLMMKEKAVSLPYEDPVSYAV
NAAKPIIDRLSDADKQRIEMVITCSESGIDFGKSMSTYIQEYLGLSRNCRMFELKQACYSGTAGLQMAINLILSQTFPGA
KALVIATDISRFLVAEGGEAINYDWSFAEPSSGAGAVALLVSDTPHIFQIDVGCNGYYGYEVMDTCRPNPDSEAGDADLS
LLSYLDCCENAYRHYQNRVEGVDYRESFDYLSFHTPFGGMVKGAHRNMMRRLKRAKPAEIEADFQRRVMPGLVYCQQVGN
IMGATLFLSLASTIDNGDFSTPRRIGMFSYGSGCCSEFYSGVVTPEGAAIAAQQGISAQLADRYSLSMEEYEQLLYHSSA
VAFGTRNVTLDYQLFPGVWKKIAGKGRLVLKAIKEFHRKYEWV
;
A
2 'polypeptide(L)'
;MHHHHHHSSGVDLGTENLYFQSNAMSKEQVLKIIKKYTREIAPELEDSPLEPTDSLKKLGIDSVNRAEIIMMVMEDLSLN
IPRIELAGAKNIGELADLFAAKL
;
B
#
# COMPACT_ATOMS: atom_id res chain seq x y z
N GLN A 26 -2.31 -11.50 27.27
CA GLN A 26 -0.94 -10.96 27.01
C GLN A 26 -1.06 -9.71 26.12
N GLN A 27 -0.31 -8.68 26.48
CA GLN A 27 -0.28 -7.43 25.73
C GLN A 27 0.78 -7.52 24.62
N VAL A 28 0.43 -7.07 23.43
CA VAL A 28 1.38 -7.10 22.32
C VAL A 28 0.94 -6.07 21.29
N GLY A 29 1.91 -5.55 20.56
CA GLY A 29 1.64 -4.73 19.38
C GLY A 29 2.76 -3.80 19.04
N ILE A 30 2.40 -2.66 18.48
CA ILE A 30 3.38 -1.74 17.95
C ILE A 30 3.78 -0.78 19.06
N GLU A 31 5.04 -0.87 19.48
CA GLU A 31 5.66 0.03 20.47
C GLU A 31 6.06 1.37 19.87
N ALA A 32 6.52 1.35 18.62
CA ALA A 32 6.93 2.56 17.93
C ALA A 32 6.77 2.38 16.44
N LEU A 33 6.45 3.48 15.75
CA LEU A 33 6.22 3.45 14.31
C LEU A 33 6.88 4.69 13.73
N SER A 34 7.62 4.51 12.65
N SER A 34 7.69 4.52 12.69
CA SER A 34 8.29 5.63 11.99
CA SER A 34 8.33 5.66 12.01
C SER A 34 8.20 5.43 10.48
C SER A 34 8.29 5.44 10.49
N VAL A 35 8.18 6.55 9.75
CA VAL A 35 7.92 6.54 8.30
C VAL A 35 9.06 7.26 7.58
N TYR A 36 9.43 6.80 6.39
CA TYR A 36 10.23 7.58 5.45
C TYR A 36 9.49 7.63 4.14
N GLY A 37 9.05 8.82 3.76
CA GLY A 37 8.26 9.03 2.54
C GLY A 37 9.04 9.60 1.38
N GLY A 38 10.34 9.38 1.41
CA GLY A 38 11.25 9.77 0.32
C GLY A 38 11.78 11.17 0.45
N ALA A 39 12.71 11.51 -0.44
CA ALA A 39 13.33 12.83 -0.45
C ALA A 39 12.73 13.77 -1.51
N ALA A 40 11.98 13.19 -2.45
CA ALA A 40 11.46 13.93 -3.58
C ALA A 40 10.13 13.33 -3.96
N GLN A 41 9.29 14.16 -4.57
CA GLN A 41 7.98 13.71 -5.02
C GLN A 41 7.60 14.40 -6.33
N LEU A 42 6.70 13.77 -7.09
CA LEU A 42 6.11 14.33 -8.30
C LEU A 42 4.63 14.56 -8.09
N GLU A 43 4.20 15.77 -8.40
CA GLU A 43 2.79 16.14 -8.35
C GLU A 43 2.10 15.57 -9.58
N LEU A 44 1.07 14.77 -9.37
CA LEU A 44 0.49 14.04 -10.50
C LEU A 44 -0.21 14.95 -11.53
N ARG A 45 -0.66 16.13 -11.11
CA ARG A 45 -1.15 17.17 -12.07
C ARG A 45 -0.10 17.49 -13.14
N LYS A 46 1.17 17.51 -12.78
CA LYS A 46 2.25 17.70 -13.75
C LYS A 46 2.35 16.56 -14.77
N LEU A 47 2.17 15.32 -14.30
CA LEU A 47 2.12 14.14 -15.17
C LEU A 47 0.92 14.20 -16.12
N ALA A 48 -0.26 14.51 -15.58
CA ALA A 48 -1.48 14.68 -16.40
C ALA A 48 -1.28 15.73 -17.50
N GLN A 49 -0.77 16.91 -17.14
CA GLN A 49 -0.48 17.97 -18.11
C GLN A 49 0.48 17.50 -19.18
N ALA A 50 1.54 16.80 -18.76
CA ALA A 50 2.55 16.29 -19.67
C ALA A 50 2.05 15.21 -20.64
N ARG A 51 0.97 14.52 -20.31
CA ARG A 51 0.36 13.54 -21.22
C ARG A 51 -1.05 13.93 -21.68
N GLN A 52 -1.30 15.24 -21.73
CA GLN A 52 -2.51 15.79 -22.35
C GLN A 52 -3.84 15.33 -21.72
N LEU A 53 -3.80 14.88 -20.47
CA LEU A 53 -4.98 14.39 -19.77
C LEU A 53 -5.58 15.55 -19.00
N ASP A 54 -6.87 15.51 -18.73
CA ASP A 54 -7.43 16.52 -17.83
C ASP A 54 -6.97 16.20 -16.42
N ILE A 55 -6.95 17.24 -15.60
CA ILE A 55 -6.52 17.13 -14.22
C ILE A 55 -7.49 16.19 -13.50
N SER A 56 -8.77 16.31 -13.82
CA SER A 56 -9.80 15.56 -13.12
C SER A 56 -9.56 14.04 -13.05
N ARG A 57 -8.86 13.43 -14.02
CA ARG A 57 -8.59 11.99 -13.98
C ARG A 57 -7.91 11.55 -12.66
N PHE A 58 -6.82 12.17 -12.27
CA PHE A 58 -6.13 11.75 -11.02
C PHE A 58 -6.82 12.28 -9.75
N ASP A 59 -7.31 13.52 -9.75
CA ASP A 59 -8.17 14.02 -8.63
C ASP A 59 -9.39 13.08 -8.44
N ASN A 60 -10.00 12.65 -9.53
CA ASN A 60 -11.11 11.69 -9.52
C ASN A 60 -10.77 10.41 -8.75
N LEU A 61 -9.53 9.97 -8.92
CA LEU A 61 -9.03 8.72 -8.33
C LEU A 61 -8.38 8.95 -6.96
N MET A 62 -8.43 10.20 -6.49
CA MET A 62 -7.93 10.63 -5.19
C MET A 62 -6.42 10.57 -5.07
N MET A 63 -5.72 10.72 -6.20
CA MET A 63 -4.27 10.69 -6.23
C MET A 63 -3.76 12.13 -6.30
N LYS A 64 -2.68 12.43 -5.56
CA LYS A 64 -2.15 13.80 -5.49
C LYS A 64 -0.67 13.83 -5.87
N GLU A 65 0.14 13.08 -5.11
CA GLU A 65 1.59 13.05 -5.32
C GLU A 65 2.11 11.63 -5.17
N LYS A 66 3.21 11.34 -5.84
CA LYS A 66 3.94 10.11 -5.55
C LYS A 66 5.39 10.42 -5.15
N ALA A 67 5.87 9.69 -4.15
CA ALA A 67 7.29 9.76 -3.82
C ALA A 67 8.11 9.09 -4.88
N VAL A 68 9.36 9.54 -5.10
CA VAL A 68 10.20 8.96 -6.15
C VAL A 68 11.61 8.76 -5.57
N SER A 69 12.10 7.53 -5.61
CA SER A 69 13.48 7.22 -5.12
C SER A 69 14.52 7.80 -6.09
N LEU A 70 15.53 8.46 -5.52
CA LEU A 70 16.70 8.89 -6.32
C LEU A 70 17.60 7.70 -6.63
N PRO A 71 18.52 7.84 -7.61
CA PRO A 71 19.45 6.73 -7.93
C PRO A 71 20.38 6.33 -6.77
N TYR A 72 20.61 7.29 -5.88
CA TYR A 72 21.40 7.05 -4.70
C TYR A 72 20.54 6.70 -3.49
N GLU A 73 19.38 6.08 -3.73
CA GLU A 73 18.59 5.48 -2.68
C GLU A 73 18.12 4.12 -3.18
N ASP A 74 17.88 3.25 -2.22
CA ASP A 74 17.36 1.93 -2.53
C ASP A 74 16.48 1.47 -1.36
N PRO A 75 15.94 0.25 -1.40
CA PRO A 75 15.06 -0.15 -0.31
C PRO A 75 15.76 -0.27 1.03
N VAL A 76 17.07 -0.53 1.04
CA VAL A 76 17.84 -0.54 2.29
C VAL A 76 17.91 0.86 2.89
N SER A 77 18.32 1.85 2.09
CA SER A 77 18.43 3.20 2.59
C SER A 77 17.06 3.74 3.02
N TYR A 78 16.00 3.41 2.28
CA TYR A 78 14.66 3.80 2.68
C TYR A 78 14.34 3.17 4.06
N ALA A 79 14.62 1.89 4.20
CA ALA A 79 14.36 1.16 5.44
C ALA A 79 15.10 1.73 6.64
N VAL A 80 16.39 2.01 6.47
CA VAL A 80 17.19 2.57 7.53
C VAL A 80 16.67 3.95 7.94
N ASN A 81 16.32 4.80 6.96
CA ASN A 81 15.76 6.09 7.26
C ASN A 81 14.41 6.02 7.99
N ALA A 82 13.61 4.99 7.67
CA ALA A 82 12.35 4.79 8.39
C ALA A 82 12.58 4.34 9.83
N ALA A 83 13.57 3.47 10.07
CA ALA A 83 13.81 2.90 11.38
C ALA A 83 14.69 3.75 12.32
N LYS A 84 15.50 4.65 11.76
CA LYS A 84 16.51 5.36 12.53
C LYS A 84 15.92 6.13 13.73
N PRO A 85 14.78 6.81 13.56
CA PRO A 85 14.20 7.52 14.71
C PRO A 85 13.80 6.59 15.84
N ILE A 86 13.36 5.38 15.51
CA ILE A 86 13.03 4.39 16.52
C ILE A 86 14.25 4.00 17.35
N ILE A 87 15.34 3.68 16.67
CA ILE A 87 16.52 3.21 17.32
C ILE A 87 17.17 4.35 18.11
N ASP A 88 17.17 5.55 17.56
CA ASP A 88 17.76 6.69 18.26
C ASP A 88 17.16 6.94 19.64
N ARG A 89 15.87 6.68 19.79
CA ARG A 89 15.15 6.89 21.06
C ARG A 89 15.43 5.80 22.10
N LEU A 90 15.79 4.60 21.67
CA LEU A 90 15.97 3.50 22.61
C LEU A 90 17.20 3.63 23.53
N SER A 91 17.04 3.21 24.78
CA SER A 91 18.18 2.97 25.63
C SER A 91 19.06 1.86 25.00
N ASP A 92 20.33 1.80 25.38
CA ASP A 92 21.21 0.73 24.89
C ASP A 92 20.62 -0.64 25.20
N ALA A 93 20.14 -0.80 26.44
CA ALA A 93 19.51 -2.04 26.86
C ALA A 93 18.33 -2.42 25.96
N ASP A 94 17.47 -1.45 25.64
CA ASP A 94 16.30 -1.73 24.80
C ASP A 94 16.70 -1.99 23.33
N LYS A 95 17.72 -1.30 22.83
CA LYS A 95 18.22 -1.59 21.47
C LYS A 95 18.73 -3.02 21.38
N GLN A 96 19.47 -3.44 22.41
CA GLN A 96 19.95 -4.81 22.47
C GLN A 96 18.87 -5.87 22.58
N ARG A 97 17.68 -5.50 23.05
CA ARG A 97 16.56 -6.42 23.09
C ARG A 97 15.94 -6.76 21.71
N ILE A 98 16.28 -6.00 20.67
CA ILE A 98 15.79 -6.32 19.32
C ILE A 98 16.53 -7.60 18.86
N GLU A 99 15.80 -8.71 18.77
CA GLU A 99 16.38 -9.99 18.39
C GLU A 99 15.79 -10.59 17.11
N MET A 100 14.99 -9.82 16.39
CA MET A 100 14.51 -10.22 15.08
C MET A 100 14.34 -8.99 14.23
N VAL A 101 14.86 -9.02 13.00
CA VAL A 101 14.65 -7.98 12.00
C VAL A 101 14.04 -8.66 10.77
N ILE A 102 12.81 -8.27 10.44
CA ILE A 102 12.12 -8.78 9.26
C ILE A 102 11.96 -7.65 8.28
N THR A 103 12.55 -7.78 7.09
CA THR A 103 12.34 -6.81 6.03
C THR A 103 11.27 -7.35 5.11
N CYS A 104 10.27 -6.55 4.81
CA CYS A 104 9.10 -6.96 4.02
C CYS A 104 9.12 -6.17 2.75
N SER A 105 9.25 -6.83 1.62
CA SER A 105 9.52 -6.10 0.38
C SER A 105 9.18 -6.94 -0.86
N GLU A 106 8.91 -6.25 -1.94
CA GLU A 106 8.87 -6.84 -3.28
C GLU A 106 9.89 -6.17 -4.19
N SER A 107 10.89 -5.51 -3.58
CA SER A 107 11.93 -4.72 -4.25
C SER A 107 13.29 -5.25 -3.83
N GLY A 108 13.42 -6.55 -3.65
CA GLY A 108 14.69 -7.14 -3.15
C GLY A 108 15.87 -6.94 -4.07
N ILE A 109 17.05 -7.02 -3.49
CA ILE A 109 18.30 -6.72 -4.20
C ILE A 109 19.19 -7.95 -4.42
N ASP A 110 18.72 -9.14 -3.99
CA ASP A 110 19.49 -10.36 -4.10
C ASP A 110 18.51 -11.52 -4.00
N PHE A 111 18.82 -12.65 -4.64
CA PHE A 111 17.94 -13.84 -4.52
C PHE A 111 18.11 -14.55 -3.18
N GLY A 112 19.20 -14.33 -2.48
CA GLY A 112 19.40 -14.94 -1.17
C GLY A 112 19.67 -14.06 0.01
N LYS A 113 20.45 -12.99 -0.21
CA LYS A 113 20.85 -12.10 0.87
C LYS A 113 19.68 -11.22 1.29
N SER A 114 19.22 -11.31 2.53
CA SER A 114 18.16 -10.42 3.03
C SER A 114 18.68 -9.00 3.22
N MET A 115 17.81 -8.02 2.98
CA MET A 115 18.15 -6.61 3.26
C MET A 115 18.34 -6.38 4.75
N SER A 116 17.80 -7.29 5.58
CA SER A 116 17.92 -7.19 7.01
C SER A 116 19.38 -7.11 7.48
N THR A 117 20.29 -7.79 6.78
CA THR A 117 21.71 -7.76 7.15
C THR A 117 22.33 -6.36 7.06
N TYR A 118 22.08 -5.65 5.97
CA TYR A 118 22.50 -4.24 5.84
C TYR A 118 21.83 -3.36 6.85
N ILE A 119 20.54 -3.58 7.08
CA ILE A 119 19.77 -2.79 8.03
C ILE A 119 20.35 -2.93 9.45
N GLN A 120 20.61 -4.16 9.86
CA GLN A 120 21.25 -4.42 11.15
C GLN A 120 22.59 -3.68 11.28
N GLU A 121 23.40 -3.76 10.25
CA GLU A 121 24.73 -3.12 10.23
C GLU A 121 24.65 -1.62 10.46
N TYR A 122 23.82 -0.96 9.67
CA TYR A 122 23.77 0.49 9.71
C TYR A 122 22.97 1.04 10.88
N LEU A 123 22.11 0.24 11.49
CA LEU A 123 21.42 0.69 12.71
C LEU A 123 22.20 0.28 13.98
N GLY A 124 23.28 -0.49 13.83
CA GLY A 124 24.10 -0.88 14.99
C GLY A 124 23.43 -1.89 15.90
N LEU A 125 22.63 -2.79 15.36
CA LEU A 125 21.86 -3.73 16.17
C LEU A 125 22.73 -4.89 16.62
N SER A 126 22.23 -5.65 17.58
CA SER A 126 22.92 -6.82 18.12
C SER A 126 23.21 -7.88 17.07
N ARG A 127 24.34 -8.59 17.23
CA ARG A 127 24.58 -9.76 16.39
C ARG A 127 23.73 -10.95 16.79
N ASN A 128 23.20 -10.95 18.01
CA ASN A 128 22.28 -12.02 18.44
C ASN A 128 20.87 -11.65 17.98
N CYS A 129 20.64 -11.81 16.68
CA CYS A 129 19.43 -11.30 16.04
C CYS A 129 19.12 -12.19 14.83
N ARG A 130 17.90 -12.73 14.76
CA ARG A 130 17.44 -13.42 13.57
C ARG A 130 17.13 -12.39 12.49
N MET A 131 17.54 -12.64 11.25
CA MET A 131 17.40 -11.68 10.16
C MET A 131 16.91 -12.39 8.91
N PHE A 132 15.85 -11.89 8.31
CA PHE A 132 15.35 -12.46 7.07
C PHE A 132 14.42 -11.48 6.37
N GLU A 133 14.04 -11.84 5.14
CA GLU A 133 13.20 -11.01 4.27
C GLU A 133 11.97 -11.81 3.86
N LEU A 134 10.82 -11.15 3.81
N LEU A 134 10.78 -11.19 3.95
CA LEU A 134 9.54 -11.79 3.62
CA LEU A 134 9.52 -11.81 3.56
C LEU A 134 8.86 -11.20 2.38
C LEU A 134 8.96 -11.22 2.30
N LYS A 135 8.33 -12.10 1.51
CA LYS A 135 7.73 -11.76 0.22
C LYS A 135 6.32 -12.34 0.11
N GLN A 136 5.37 -11.50 -0.25
CA GLN A 136 4.03 -11.91 -0.79
C GLN A 136 3.33 -10.65 -1.24
N ALA A 137 3.95 -10.05 -2.24
CA ALA A 137 3.53 -8.76 -2.78
C ALA A 137 3.19 -7.80 -1.62
N CYS A 138 2.08 -7.06 -1.69
CA CYS A 138 1.85 -6.03 -0.68
C CYS A 138 1.37 -6.58 0.68
N TYR A 139 1.15 -7.88 0.79
CA TYR A 139 0.84 -8.54 2.05
C TYR A 139 2.08 -8.72 2.93
N SER A 140 3.26 -8.49 2.36
CA SER A 140 4.52 -8.76 3.07
C SER A 140 4.57 -8.08 4.43
N GLY A 141 4.19 -6.81 4.50
CA GLY A 141 4.26 -6.09 5.77
C GLY A 141 3.42 -6.71 6.86
N THR A 142 2.15 -6.98 6.53
CA THR A 142 1.28 -7.63 7.47
C THR A 142 1.82 -9.01 7.91
N ALA A 143 2.28 -9.80 6.97
CA ALA A 143 2.87 -11.09 7.32
C ALA A 143 4.02 -10.93 8.35
N GLY A 144 4.91 -9.96 8.10
CA GLY A 144 6.00 -9.68 9.03
C GLY A 144 5.52 -9.26 10.40
N LEU A 145 4.52 -8.37 10.42
CA LEU A 145 3.96 -7.93 11.68
C LEU A 145 3.35 -9.10 12.46
N GLN A 146 2.62 -9.97 11.78
CA GLN A 146 2.04 -11.14 12.44
C GLN A 146 3.10 -12.07 12.98
N MET A 147 4.20 -12.25 12.25
CA MET A 147 5.31 -13.12 12.77
C MET A 147 5.93 -12.50 14.02
N ALA A 148 6.07 -11.18 14.02
CA ALA A 148 6.64 -10.45 15.18
C ALA A 148 5.70 -10.55 16.40
N ILE A 149 4.42 -10.36 16.16
CA ILE A 149 3.40 -10.53 17.22
C ILE A 149 3.55 -11.93 17.84
N ASN A 150 3.66 -12.94 16.99
CA ASN A 150 3.77 -14.31 17.49
C ASN A 150 5.07 -14.61 18.21
N LEU A 151 6.15 -13.93 17.86
CA LEU A 151 7.38 -14.04 18.68
C LEU A 151 7.08 -13.60 20.13
N ILE A 152 6.44 -12.44 20.28
CA ILE A 152 6.17 -11.91 21.62
C ILE A 152 5.20 -12.86 22.35
N LEU A 153 4.13 -13.27 21.66
CA LEU A 153 3.12 -14.15 22.25
C LEU A 153 3.64 -15.54 22.61
N SER A 154 4.62 -16.03 21.88
CA SER A 154 5.21 -17.35 22.16
C SER A 154 5.85 -17.42 23.54
N GLN A 155 6.27 -16.27 24.07
CA GLN A 155 7.09 -16.14 25.30
C GLN A 155 8.32 -17.06 25.34
N THR A 156 8.89 -17.31 24.16
CA THR A 156 10.14 -18.02 24.06
C THR A 156 11.30 -17.17 24.62
N PHE A 157 11.27 -15.85 24.41
CA PHE A 157 12.33 -14.95 24.86
C PHE A 157 11.69 -13.70 25.46
N PRO A 158 11.19 -13.84 26.70
CA PRO A 158 10.54 -12.68 27.31
C PRO A 158 11.43 -11.44 27.33
N GLY A 159 10.89 -10.30 26.89
CA GLY A 159 11.65 -9.06 26.76
C GLY A 159 12.19 -8.79 25.36
N ALA A 160 12.27 -9.81 24.50
CA ALA A 160 12.77 -9.56 23.15
C ALA A 160 11.79 -8.71 22.38
N LYS A 161 12.32 -7.84 21.54
CA LYS A 161 11.54 -7.04 20.61
C LYS A 161 11.83 -7.48 19.20
N ALA A 162 10.96 -7.11 18.28
CA ALA A 162 11.18 -7.36 16.86
C ALA A 162 11.09 -6.06 16.12
N LEU A 163 11.89 -5.90 15.07
CA LEU A 163 11.80 -4.75 14.21
C LEU A 163 11.34 -5.22 12.84
N VAL A 164 10.19 -4.71 12.40
CA VAL A 164 9.60 -5.09 11.11
C VAL A 164 9.61 -3.86 10.23
N ILE A 165 10.27 -3.94 9.08
CA ILE A 165 10.33 -2.79 8.18
C ILE A 165 9.82 -3.18 6.83
N ALA A 166 8.74 -2.54 6.41
CA ALA A 166 8.19 -2.70 5.08
C ALA A 166 8.80 -1.58 4.22
N THR A 167 9.48 -1.96 3.16
CA THR A 167 10.21 -1.02 2.29
C THR A 167 10.05 -1.39 0.85
N ASP A 168 9.70 -0.44 0.00
CA ASP A 168 9.54 -0.70 -1.45
C ASP A 168 9.79 0.59 -2.25
N ILE A 169 10.38 0.42 -3.44
CA ILE A 169 10.56 1.51 -4.39
C ILE A 169 10.02 1.05 -5.72
N SER A 170 9.75 1.99 -6.59
CA SER A 170 9.28 1.65 -7.97
C SER A 170 10.31 2.15 -8.96
N ARG A 171 11.33 1.34 -9.22
CA ARG A 171 12.43 1.79 -10.09
C ARG A 171 12.20 1.41 -11.54
N PHE A 172 11.25 2.12 -12.15
CA PHE A 172 10.97 2.02 -13.58
C PHE A 172 12.13 2.51 -14.44
N LEU A 173 12.46 1.74 -15.49
CA LEU A 173 13.60 2.02 -16.38
C LEU A 173 13.09 2.28 -17.81
N VAL A 174 13.71 3.23 -18.50
CA VAL A 174 13.25 3.62 -19.87
C VAL A 174 14.30 3.33 -20.94
N TYR A 183 5.65 -0.27 -21.99
CA TYR A 183 6.28 -1.17 -21.02
C TYR A 183 5.24 -1.98 -20.22
N ASP A 184 5.66 -3.15 -19.72
CA ASP A 184 4.80 -3.98 -18.83
C ASP A 184 4.26 -3.16 -17.64
N TRP A 185 5.12 -2.26 -17.14
CA TRP A 185 4.79 -1.40 -15.98
C TRP A 185 3.97 -0.11 -16.28
N SER A 186 3.70 0.20 -17.56
CA SER A 186 3.08 1.49 -17.91
C SER A 186 1.75 1.75 -17.19
N PHE A 187 0.95 0.69 -16.97
CA PHE A 187 -0.33 0.79 -16.23
C PHE A 187 -0.14 1.36 -14.80
N ALA A 188 1.03 1.13 -14.21
CA ALA A 188 1.29 1.46 -12.82
C ALA A 188 2.07 2.77 -12.58
N GLU A 189 2.45 3.51 -13.64
CA GLU A 189 3.34 4.68 -13.44
C GLU A 189 2.75 5.76 -12.51
N PRO A 190 1.52 6.16 -12.75
CA PRO A 190 0.92 7.17 -11.88
C PRO A 190 0.82 6.77 -10.40
N SER A 191 0.64 5.48 -10.12
CA SER A 191 0.32 5.05 -8.79
C SER A 191 1.50 4.53 -8.00
N SER A 192 2.62 4.23 -8.64
CA SER A 192 3.67 3.44 -7.98
C SER A 192 4.69 4.37 -7.31
N GLY A 193 4.67 4.41 -5.98
CA GLY A 193 5.52 5.30 -5.21
C GLY A 193 6.75 4.60 -4.63
N ALA A 194 7.29 5.20 -3.59
CA ALA A 194 8.42 4.69 -2.86
C ALA A 194 8.27 5.08 -1.39
N GLY A 195 8.54 4.18 -0.47
CA GLY A 195 8.39 4.52 0.93
C GLY A 195 8.73 3.35 1.80
N ALA A 196 8.94 3.64 3.08
CA ALA A 196 9.15 2.59 4.06
C ALA A 196 8.54 2.97 5.39
N VAL A 197 8.03 1.97 6.08
CA VAL A 197 7.48 2.13 7.41
C VAL A 197 8.09 1.09 8.32
N ALA A 198 8.65 1.56 9.44
CA ALA A 198 9.27 0.70 10.44
C ALA A 198 8.42 0.57 11.67
N LEU A 199 8.27 -0.67 12.14
CA LEU A 199 7.50 -0.99 13.35
C LEU A 199 8.38 -1.68 14.37
N LEU A 200 8.39 -1.18 15.60
CA LEU A 200 8.99 -1.91 16.71
C LEU A 200 7.87 -2.64 17.40
N VAL A 201 7.99 -3.96 17.54
CA VAL A 201 6.94 -4.78 18.09
C VAL A 201 7.42 -5.40 19.43
N SER A 202 6.56 -5.34 20.45
CA SER A 202 6.93 -5.76 21.79
C SER A 202 5.68 -5.98 22.66
N ASP A 203 5.93 -6.32 23.93
CA ASP A 203 4.89 -6.48 24.93
C ASP A 203 4.51 -5.16 25.61
N THR A 204 5.06 -4.02 25.18
CA THR A 204 4.57 -2.70 25.62
C THR A 204 4.16 -1.87 24.39
N PRO A 205 2.96 -2.14 23.84
CA PRO A 205 2.53 -1.52 22.57
C PRO A 205 2.03 -0.11 22.76
N HIS A 206 2.96 0.83 22.89
CA HIS A 206 2.62 2.22 23.14
C HIS A 206 1.77 2.88 22.05
N ILE A 207 1.90 2.42 20.81
CA ILE A 207 1.16 3.01 19.67
C ILE A 207 -0.11 2.23 19.30
N PHE A 208 0.01 0.91 19.12
CA PHE A 208 -1.11 0.10 18.59
C PHE A 208 -1.17 -1.20 19.33
N GLN A 209 -2.21 -1.36 20.14
CA GLN A 209 -2.43 -2.54 20.95
CA GLN A 209 -2.38 -2.59 20.91
C GLN A 209 -3.25 -3.55 20.11
N ILE A 210 -2.63 -4.67 19.73
CA ILE A 210 -3.26 -5.68 18.89
C ILE A 210 -4.40 -6.43 19.60
N ASP A 211 -5.51 -6.62 18.89
CA ASP A 211 -6.58 -7.53 19.30
C ASP A 211 -6.15 -8.96 19.01
N VAL A 212 -5.65 -9.66 20.04
CA VAL A 212 -4.95 -10.93 19.84
C VAL A 212 -5.95 -12.01 19.34
N GLY A 213 -5.55 -12.71 18.27
CA GLY A 213 -6.39 -13.76 17.68
C GLY A 213 -7.58 -13.26 16.87
N CYS A 214 -7.74 -11.95 16.70
CA CYS A 214 -8.82 -11.40 15.91
C CYS A 214 -8.25 -11.22 14.52
N ASN A 215 -8.26 -12.32 13.74
CA ASN A 215 -7.66 -12.32 12.42
C ASN A 215 -8.49 -13.15 11.48
N GLY A 216 -8.74 -12.63 10.29
CA GLY A 216 -9.26 -13.43 9.20
C GLY A 216 -8.34 -13.31 8.00
N TYR A 217 -8.16 -14.37 7.23
CA TYR A 217 -7.24 -14.32 6.10
C TYR A 217 -7.73 -15.21 4.98
N TYR A 218 -7.34 -14.84 3.76
CA TYR A 218 -7.92 -15.46 2.58
C TYR A 218 -6.97 -15.24 1.40
N GLY A 219 -6.69 -16.31 0.67
CA GLY A 219 -5.82 -16.21 -0.47
C GLY A 219 -5.98 -17.41 -1.38
N TYR A 220 -5.46 -17.26 -2.59
CA TYR A 220 -5.56 -18.25 -3.64
C TYR A 220 -4.62 -17.79 -4.76
N GLU A 221 -4.20 -18.73 -5.62
CA GLU A 221 -3.33 -18.36 -6.73
C GLU A 221 -4.14 -17.64 -7.83
N VAL A 222 -3.67 -16.45 -8.19
CA VAL A 222 -4.30 -15.64 -9.27
C VAL A 222 -3.22 -14.78 -9.92
N MET A 223 -3.31 -14.62 -11.25
CA MET A 223 -2.33 -13.80 -11.96
C MET A 223 -2.80 -12.37 -12.15
N ASP A 224 -3.11 -11.70 -11.04
CA ASP A 224 -3.61 -10.34 -11.13
C ASP A 224 -2.51 -9.35 -11.41
N THR A 225 -1.48 -9.36 -10.62
CA THR A 225 -0.26 -8.66 -11.00
C THR A 225 0.87 -9.50 -10.48
N CYS A 226 2.05 -9.32 -11.09
CA CYS A 226 3.24 -10.05 -10.62
C CYS A 226 4.47 -9.24 -11.05
N ARG A 227 5.65 -9.69 -10.62
CA ARG A 227 6.91 -9.02 -10.90
C ARG A 227 7.90 -10.08 -11.35
N PRO A 228 7.71 -10.56 -12.58
CA PRO A 228 8.49 -11.68 -13.08
C PRO A 228 9.84 -11.27 -13.57
N ASN A 229 10.08 -9.98 -13.75
CA ASN A 229 11.40 -9.46 -14.11
C ASN A 229 11.77 -8.39 -13.09
N PRO A 230 13.08 -8.16 -12.94
CA PRO A 230 13.48 -7.08 -12.05
C PRO A 230 13.02 -5.72 -12.55
N ASP A 231 12.82 -4.81 -11.61
CA ASP A 231 12.64 -3.39 -11.89
C ASP A 231 11.41 -3.22 -12.79
N SER A 232 10.36 -3.95 -12.45
CA SER A 232 9.23 -4.09 -13.37
C SER A 232 8.02 -4.68 -12.65
N GLU A 233 6.86 -4.60 -13.30
CA GLU A 233 5.61 -5.19 -12.82
C GLU A 233 4.77 -5.51 -14.05
N ALA A 234 4.02 -6.62 -14.01
CA ALA A 234 3.13 -7.06 -15.10
C ALA A 234 1.75 -7.37 -14.53
N GLY A 235 0.71 -7.24 -15.34
CA GLY A 235 -0.60 -7.73 -14.88
C GLY A 235 -1.80 -7.02 -15.45
N ASP A 236 -2.95 -7.45 -14.95
CA ASP A 236 -4.24 -6.94 -15.36
C ASP A 236 -4.82 -6.25 -14.13
N ALA A 237 -4.71 -4.94 -14.11
CA ALA A 237 -5.20 -4.17 -12.99
C ALA A 237 -6.71 -4.32 -12.74
N ASP A 238 -7.49 -4.53 -13.79
CA ASP A 238 -8.92 -4.79 -13.61
C ASP A 238 -9.20 -6.09 -12.79
N LEU A 239 -8.51 -7.17 -13.15
CA LEU A 239 -8.56 -8.41 -12.41
C LEU A 239 -8.09 -8.17 -10.97
N SER A 240 -7.02 -7.39 -10.81
CA SER A 240 -6.52 -7.11 -9.48
C SER A 240 -7.54 -6.41 -8.60
N LEU A 241 -8.25 -5.44 -9.16
CA LEU A 241 -9.30 -4.76 -8.37
C LEU A 241 -10.42 -5.72 -7.96
N LEU A 242 -10.87 -6.55 -8.89
CA LEU A 242 -11.90 -7.55 -8.56
C LEU A 242 -11.43 -8.54 -7.48
N SER A 243 -10.16 -8.95 -7.56
CA SER A 243 -9.59 -9.86 -6.60
C SER A 243 -9.47 -9.21 -5.20
N TYR A 244 -9.03 -7.96 -5.16
CA TYR A 244 -8.99 -7.16 -3.93
C TYR A 244 -10.39 -7.13 -3.27
N LEU A 245 -11.41 -6.85 -4.07
CA LEU A 245 -12.78 -6.79 -3.56
C LEU A 245 -13.26 -8.14 -3.02
N ASP A 246 -12.98 -9.22 -3.75
CA ASP A 246 -13.27 -10.57 -3.26
C ASP A 246 -12.58 -10.85 -1.92
N CYS A 247 -11.32 -10.49 -1.80
CA CYS A 247 -10.57 -10.76 -0.58
C CYS A 247 -11.03 -9.87 0.58
N CYS A 248 -11.40 -8.64 0.27
CA CYS A 248 -11.87 -7.73 1.30
C CYS A 248 -13.12 -8.34 1.97
N GLU A 249 -14.03 -8.87 1.14
CA GLU A 249 -15.23 -9.57 1.65
C GLU A 249 -14.88 -10.83 2.46
N ASN A 250 -14.06 -11.69 1.87
CA ASN A 250 -13.83 -13.03 2.45
C ASN A 250 -12.89 -13.01 3.64
N ALA A 251 -11.86 -12.18 3.64
CA ALA A 251 -11.03 -12.04 4.84
C ALA A 251 -11.82 -11.49 6.04
N TYR A 252 -12.64 -10.49 5.78
CA TYR A 252 -13.49 -9.95 6.83
C TYR A 252 -14.50 -11.00 7.33
N ARG A 253 -15.06 -11.80 6.43
CA ARG A 253 -16.00 -12.86 6.86
C ARG A 253 -15.31 -13.81 7.81
N HIS A 254 -14.06 -14.18 7.51
CA HIS A 254 -13.29 -15.07 8.36
C HIS A 254 -13.08 -14.46 9.75
N TYR A 255 -12.77 -13.17 9.78
CA TYR A 255 -12.63 -12.46 11.05
C TYR A 255 -13.97 -12.47 11.81
N GLN A 256 -15.05 -12.17 11.11
CA GLN A 256 -16.40 -12.14 11.70
C GLN A 256 -16.77 -13.49 12.30
N ASN A 257 -16.41 -14.57 11.61
CA ASN A 257 -16.60 -15.93 12.12
C ASN A 257 -15.86 -16.18 13.43
N ARG A 258 -14.72 -15.54 13.61
CA ARG A 258 -13.89 -15.69 14.81
C ARG A 258 -14.17 -14.70 15.91
N VAL A 259 -14.81 -13.58 15.62
CA VAL A 259 -15.03 -12.52 16.59
C VAL A 259 -16.55 -12.31 16.72
N GLU A 260 -17.19 -13.02 17.63
CA GLU A 260 -18.65 -13.07 17.66
C GLU A 260 -19.28 -11.73 17.97
N GLY A 261 -20.24 -11.33 17.12
CA GLY A 261 -20.98 -10.09 17.34
C GLY A 261 -20.34 -8.84 16.76
N VAL A 262 -19.21 -8.97 16.09
CA VAL A 262 -18.57 -7.81 15.49
C VAL A 262 -19.45 -7.20 14.39
N ASP A 263 -19.46 -5.87 14.30
CA ASP A 263 -20.25 -5.13 13.32
C ASP A 263 -19.33 -4.22 12.52
N TYR A 264 -19.45 -4.23 11.20
CA TYR A 264 -18.53 -3.51 10.35
C TYR A 264 -18.59 -1.99 10.56
N ARG A 265 -19.75 -1.46 10.92
CA ARG A 265 -19.85 -0.05 11.29
C ARG A 265 -19.53 0.18 12.75
N GLU A 266 -20.19 -0.55 13.64
CA GLU A 266 -20.14 -0.21 15.06
C GLU A 266 -18.86 -0.58 15.79
N SER A 267 -18.15 -1.62 15.34
CA SER A 267 -16.98 -2.09 16.09
C SER A 267 -15.70 -1.37 15.75
N PHE A 268 -15.66 -0.64 14.64
CA PHE A 268 -14.42 -0.02 14.17
C PHE A 268 -14.65 1.47 14.08
N ASP A 269 -13.91 2.22 14.86
CA ASP A 269 -13.91 3.69 14.77
C ASP A 269 -13.31 4.22 13.49
N TYR A 270 -12.27 3.53 13.01
CA TYR A 270 -11.61 3.85 11.74
C TYR A 270 -11.31 2.55 11.00
N LEU A 271 -11.12 2.67 9.69
CA LEU A 271 -10.69 1.57 8.83
C LEU A 271 -9.53 2.01 7.99
N SER A 272 -8.44 1.22 8.02
CA SER A 272 -7.25 1.43 7.20
C SER A 272 -7.11 0.28 6.22
N PHE A 273 -6.69 0.60 5.00
CA PHE A 273 -6.66 -0.40 3.92
C PHE A 273 -5.34 -0.31 3.19
N HIS A 274 -4.87 -1.43 2.61
CA HIS A 274 -3.89 -1.35 1.55
C HIS A 274 -4.49 -0.43 0.49
N THR A 275 -3.73 0.60 0.07
CA THR A 275 -4.25 1.68 -0.74
C THR A 275 -3.43 1.86 -2.04
N PRO A 276 -3.79 1.10 -3.08
CA PRO A 276 -3.10 1.32 -4.35
C PRO A 276 -3.34 2.73 -4.88
N PHE A 277 -4.56 3.24 -4.66
CA PHE A 277 -4.94 4.63 -4.89
C PHE A 277 -6.27 4.81 -4.11
N GLY A 278 -6.55 6.03 -3.64
CA GLY A 278 -7.68 6.20 -2.74
C GLY A 278 -9.03 5.87 -3.32
N GLY A 279 -9.23 6.14 -4.63
CA GLY A 279 -10.52 5.92 -5.26
C GLY A 279 -11.00 4.48 -5.14
N MET A 280 -10.08 3.52 -5.23
CA MET A 280 -10.50 2.14 -5.13
C MET A 280 -10.78 1.70 -3.71
N VAL A 281 -10.15 2.35 -2.71
CA VAL A 281 -10.50 2.12 -1.32
C VAL A 281 -11.92 2.65 -1.05
N LYS A 282 -12.23 3.81 -1.61
CA LYS A 282 -13.60 4.36 -1.51
C LYS A 282 -14.60 3.35 -2.11
N GLY A 283 -14.27 2.77 -3.27
CA GLY A 283 -15.11 1.71 -3.85
C GLY A 283 -15.25 0.45 -3.01
N ALA A 284 -14.16 -0.01 -2.43
CA ALA A 284 -14.18 -1.18 -1.55
C ALA A 284 -15.04 -0.97 -0.29
N HIS A 285 -14.86 0.19 0.35
CA HIS A 285 -15.63 0.53 1.53
C HIS A 285 -17.12 0.60 1.17
N ARG A 286 -17.44 1.19 0.03
CA ARG A 286 -18.83 1.29 -0.42
C ARG A 286 -19.42 -0.11 -0.63
N ASN A 287 -18.65 -0.99 -1.27
CA ASN A 287 -19.12 -2.36 -1.51
C ASN A 287 -19.38 -3.10 -0.19
N MET A 288 -18.45 -2.97 0.75
CA MET A 288 -18.62 -3.57 2.06
C MET A 288 -19.85 -3.04 2.82
N MET A 289 -20.01 -1.72 2.84
CA MET A 289 -21.16 -1.08 3.52
C MET A 289 -22.50 -1.48 2.88
N ARG A 290 -22.55 -1.50 1.54
CA ARG A 290 -23.79 -1.91 0.81
C ARG A 290 -24.17 -3.35 1.20
N ARG A 291 -23.21 -4.26 1.21
CA ARG A 291 -23.51 -5.69 1.46
C ARG A 291 -23.75 -5.98 2.95
N LEU A 292 -22.93 -5.45 3.84
CA LEU A 292 -23.01 -5.81 5.26
C LEU A 292 -24.05 -5.02 6.03
N LYS A 293 -24.25 -3.77 5.66
CA LYS A 293 -25.12 -2.87 6.41
C LYS A 293 -26.36 -2.39 5.62
N ARG A 294 -26.44 -2.72 4.33
CA ARG A 294 -27.52 -2.22 3.44
C ARG A 294 -27.66 -0.71 3.49
N ALA A 295 -26.52 -0.02 3.57
CA ALA A 295 -26.51 1.42 3.78
C ALA A 295 -26.83 2.13 2.47
N LYS A 296 -27.44 3.30 2.59
CA LYS A 296 -27.81 4.14 1.44
C LYS A 296 -26.59 4.97 1.00
N PRO A 297 -26.59 5.48 -0.25
CA PRO A 297 -25.36 6.15 -0.77
C PRO A 297 -24.88 7.35 0.08
N ALA A 298 -25.78 8.23 0.52
CA ALA A 298 -25.34 9.39 1.35
C ALA A 298 -24.70 8.96 2.69
N GLU A 299 -25.33 7.99 3.34
CA GLU A 299 -24.87 7.40 4.59
C GLU A 299 -23.46 6.78 4.40
N ILE A 300 -23.28 6.09 3.28
CA ILE A 300 -21.98 5.46 2.98
C ILE A 300 -20.93 6.54 2.81
N GLU A 301 -21.26 7.60 2.08
CA GLU A 301 -20.28 8.66 1.84
C GLU A 301 -19.89 9.38 3.14
N ALA A 302 -20.87 9.63 4.02
CA ALA A 302 -20.56 10.22 5.33
C ALA A 302 -19.65 9.29 6.14
N ASP A 303 -19.94 7.99 6.10
CA ASP A 303 -19.14 7.00 6.80
C ASP A 303 -17.73 6.94 6.23
N PHE A 304 -17.61 7.02 4.89
CA PHE A 304 -16.30 7.07 4.25
C PHE A 304 -15.46 8.26 4.78
N GLN A 305 -16.06 9.44 4.80
CA GLN A 305 -15.30 10.61 5.24
C GLN A 305 -14.87 10.50 6.69
N ARG A 306 -15.75 9.96 7.52
CA ARG A 306 -15.46 9.86 8.96
C ARG A 306 -14.40 8.81 9.26
N ARG A 307 -14.54 7.62 8.65
CA ARG A 307 -13.77 6.46 9.08
C ARG A 307 -12.59 6.08 8.18
N VAL A 308 -12.63 6.50 6.92
CA VAL A 308 -11.68 6.04 5.93
C VAL A 308 -10.80 7.17 5.39
N MET A 309 -11.36 8.35 5.15
CA MET A 309 -10.56 9.45 4.64
C MET A 309 -9.29 9.78 5.49
N PRO A 310 -9.36 9.70 6.85
CA PRO A 310 -8.15 10.08 7.61
C PRO A 310 -6.93 9.23 7.23
N GLY A 311 -7.16 7.95 6.99
CA GLY A 311 -6.09 7.02 6.56
C GLY A 311 -5.54 7.30 5.19
N LEU A 312 -6.32 7.95 4.33
CA LEU A 312 -5.86 8.25 2.97
C LEU A 312 -4.94 9.46 2.86
N VAL A 313 -4.93 10.33 3.86
CA VAL A 313 -4.23 11.59 3.77
C VAL A 313 -2.75 11.38 3.40
N TYR A 314 -2.01 10.59 4.16
CA TYR A 314 -0.59 10.40 3.84
C TYR A 314 -0.39 9.53 2.61
N CYS A 315 -1.29 8.58 2.38
CA CYS A 315 -1.23 7.73 1.19
C CYS A 315 -1.24 8.57 -0.09
N GLN A 316 -2.05 9.63 -0.11
CA GLN A 316 -2.16 10.53 -1.26
C GLN A 316 -0.90 11.30 -1.57
N GLN A 317 0.00 11.40 -0.59
CA GLN A 317 1.25 12.15 -0.70
C GLN A 317 2.45 11.28 -1.11
N VAL A 318 2.29 9.97 -1.04
CA VAL A 318 3.40 9.05 -1.36
C VAL A 318 3.08 8.11 -2.52
N GLY A 319 1.81 7.79 -2.73
CA GLY A 319 1.41 6.82 -3.77
C GLY A 319 1.38 5.42 -3.18
N ASN A 320 1.28 4.42 -4.04
CA ASN A 320 1.28 3.04 -3.56
C ASN A 320 2.74 2.69 -3.18
N ILE A 321 2.97 2.38 -1.91
CA ILE A 321 4.29 1.96 -1.44
C ILE A 321 4.27 0.47 -1.06
N MET A 322 3.44 -0.27 -1.78
CA MET A 322 3.38 -1.73 -1.75
C MET A 322 3.18 -2.27 -0.37
N GLY A 323 4.08 -3.09 0.15
CA GLY A 323 3.86 -3.70 1.45
C GLY A 323 3.82 -2.79 2.66
N ALA A 324 4.30 -1.55 2.51
CA ALA A 324 4.27 -0.54 3.56
C ALA A 324 2.96 0.30 3.58
N THR A 325 2.14 0.20 2.54
CA THR A 325 1.05 1.17 2.39
C THR A 325 0.04 1.09 3.52
N LEU A 326 -0.36 -0.11 3.89
CA LEU A 326 -1.33 -0.24 5.02
C LEU A 326 -0.78 0.35 6.34
N PHE A 327 0.52 0.21 6.57
CA PHE A 327 1.13 0.77 7.77
C PHE A 327 1.16 2.30 7.70
N LEU A 328 1.38 2.83 6.50
CA LEU A 328 1.29 4.26 6.34
C LEU A 328 -0.15 4.75 6.57
N SER A 329 -1.11 3.99 6.05
CA SER A 329 -2.53 4.31 6.29
C SER A 329 -2.86 4.32 7.78
N LEU A 330 -2.36 3.34 8.52
CA LEU A 330 -2.50 3.35 9.98
C LEU A 330 -1.93 4.61 10.63
N ALA A 331 -0.70 4.97 10.25
CA ALA A 331 -0.07 6.17 10.78
C ALA A 331 -0.92 7.42 10.43
N SER A 332 -1.44 7.44 9.19
CA SER A 332 -2.30 8.53 8.74
C SER A 332 -3.61 8.62 9.51
N THR A 333 -4.24 7.47 9.75
CA THR A 333 -5.44 7.42 10.57
C THR A 333 -5.19 8.01 11.98
N ILE A 334 -4.08 7.61 12.60
CA ILE A 334 -3.75 8.06 13.95
C ILE A 334 -3.55 9.57 13.99
N ASP A 335 -2.75 10.10 13.07
CA ASP A 335 -2.48 11.55 13.03
C ASP A 335 -3.70 12.41 12.66
N ASN A 336 -4.52 11.90 11.75
CA ASN A 336 -5.59 12.70 11.17
C ASN A 336 -7.00 12.46 11.74
N GLY A 337 -7.17 11.39 12.49
CA GLY A 337 -8.42 11.08 13.16
C GLY A 337 -8.46 11.62 14.58
N ASP A 338 -9.53 11.29 15.31
CA ASP A 338 -9.75 11.80 16.66
C ASP A 338 -9.53 10.67 17.67
N PHE A 339 -8.58 10.88 18.57
CA PHE A 339 -8.24 9.88 19.61
C PHE A 339 -8.37 10.52 20.98
N SER A 340 -9.38 11.36 21.16
CA SER A 340 -9.62 11.94 22.50
C SER A 340 -10.11 10.88 23.50
N THR A 341 -10.57 9.71 23.02
CA THR A 341 -10.82 8.51 23.79
C THR A 341 -10.22 7.32 23.01
N PRO A 342 -9.97 6.14 23.65
CA PRO A 342 -9.38 5.06 22.82
C PRO A 342 -10.27 4.63 21.67
N ARG A 343 -9.63 4.28 20.54
CA ARG A 343 -10.34 3.93 19.31
C ARG A 343 -9.85 2.61 18.76
N ARG A 344 -10.76 1.86 18.14
CA ARG A 344 -10.43 0.62 17.48
C ARG A 344 -10.37 0.84 15.98
N ILE A 345 -9.29 0.34 15.38
CA ILE A 345 -9.04 0.46 13.96
C ILE A 345 -9.04 -0.92 13.33
N GLY A 346 -9.85 -1.07 12.28
CA GLY A 346 -9.82 -2.29 11.47
C GLY A 346 -8.85 -2.11 10.33
N MET A 347 -8.08 -3.16 10.05
CA MET A 347 -7.00 -3.14 9.11
C MET A 347 -7.21 -4.22 8.03
N PHE A 348 -7.15 -3.82 6.77
CA PHE A 348 -7.26 -4.77 5.64
C PHE A 348 -6.02 -4.73 4.78
N SER A 349 -5.34 -5.87 4.71
CA SER A 349 -4.15 -6.06 3.89
C SER A 349 -4.45 -6.93 2.69
N TYR A 350 -3.93 -6.57 1.53
CA TYR A 350 -4.04 -7.38 0.29
C TYR A 350 -2.68 -7.40 -0.37
N GLY A 351 -2.29 -8.54 -0.93
CA GLY A 351 -1.15 -8.59 -1.81
C GLY A 351 -1.53 -9.39 -3.04
N SER A 352 -1.22 -8.88 -4.22
CA SER A 352 -1.46 -9.62 -5.47
C SER A 352 -0.84 -11.01 -5.44
N GLY A 353 -1.48 -11.95 -6.12
CA GLY A 353 -0.91 -13.28 -6.30
C GLY A 353 -1.62 -14.51 -5.77
N CYS A 354 -2.41 -14.49 -4.70
CA CYS A 354 -2.70 -13.38 -3.79
C CYS A 354 -2.85 -13.91 -2.35
N CYS A 355 -2.79 -13.00 -1.37
CA CYS A 355 -3.14 -13.32 0.03
C CYS A 355 -3.66 -12.03 0.68
N SER A 356 -4.45 -12.17 1.72
CA SER A 356 -5.07 -11.04 2.39
C SER A 356 -5.37 -11.36 3.84
N GLU A 357 -5.54 -10.31 4.64
CA GLU A 357 -5.83 -10.45 6.04
C GLU A 357 -6.55 -9.25 6.57
N PHE A 358 -7.55 -9.50 7.42
CA PHE A 358 -8.23 -8.45 8.18
C PHE A 358 -7.93 -8.66 9.66
N TYR A 359 -7.54 -7.58 10.34
CA TYR A 359 -7.15 -7.65 11.74
C TYR A 359 -7.41 -6.32 12.41
N SER A 360 -7.14 -6.19 13.71
CA SER A 360 -7.57 -4.95 14.41
C SER A 360 -6.76 -4.68 15.65
N GLY A 361 -6.82 -3.44 16.11
CA GLY A 361 -6.22 -3.05 17.37
C GLY A 361 -6.72 -1.71 17.85
N VAL A 362 -6.14 -1.25 18.95
CA VAL A 362 -6.59 -0.04 19.63
C VAL A 362 -5.47 0.98 19.80
N VAL A 363 -5.81 2.24 19.62
CA VAL A 363 -4.93 3.38 19.85
C VAL A 363 -5.56 4.25 20.95
N THR A 364 -4.74 4.63 21.94
CA THR A 364 -5.19 5.48 23.04
C THR A 364 -4.81 6.94 22.75
N PRO A 365 -5.40 7.88 23.53
CA PRO A 365 -4.97 9.28 23.37
C PRO A 365 -3.47 9.47 23.59
N GLU A 366 -2.92 8.70 24.51
CA GLU A 366 -1.49 8.75 24.83
C GLU A 366 -0.65 8.27 23.63
N GLY A 367 -1.05 7.15 23.05
CA GLY A 367 -0.43 6.64 21.83
C GLY A 367 -0.48 7.62 20.66
N ALA A 368 -1.65 8.24 20.45
CA ALA A 368 -1.79 9.22 19.37
C ALA A 368 -0.88 10.42 19.61
N ALA A 369 -0.73 10.84 20.87
CA ALA A 369 0.16 11.95 21.19
C ALA A 369 1.61 11.60 20.88
N ILE A 370 2.04 10.39 21.23
CA ILE A 370 3.39 9.93 20.86
C ILE A 370 3.55 9.92 19.34
N ALA A 371 2.57 9.35 18.64
CA ALA A 371 2.62 9.32 17.18
C ALA A 371 2.76 10.72 16.55
N ALA A 372 2.04 11.70 17.09
CA ALA A 372 2.07 13.08 16.58
C ALA A 372 3.45 13.70 16.67
N GLN A 373 4.22 13.31 17.69
CA GLN A 373 5.58 13.83 17.87
C GLN A 373 6.53 13.45 16.75
N GLN A 374 6.18 12.47 15.94
CA GLN A 374 7.05 12.04 14.84
C GLN A 374 7.06 13.04 13.67
N GLY A 375 6.04 13.87 13.59
CA GLY A 375 5.99 14.94 12.60
C GLY A 375 5.96 14.44 11.16
N ILE A 376 5.15 13.42 10.90
CA ILE A 376 5.08 12.87 9.54
C ILE A 376 4.64 13.94 8.52
N SER A 377 3.61 14.71 8.85
CA SER A 377 3.09 15.69 7.89
C SER A 377 4.16 16.72 7.49
N ALA A 378 4.89 17.23 8.48
CA ALA A 378 6.02 18.11 8.23
C ALA A 378 7.12 17.48 7.36
N GLN A 379 7.46 16.22 7.63
CA GLN A 379 8.47 15.50 6.83
C GLN A 379 8.03 15.45 5.37
N LEU A 380 6.78 15.09 5.14
CA LEU A 380 6.31 14.96 3.76
C LEU A 380 6.28 16.31 3.06
N ALA A 381 5.90 17.37 3.78
CA ALA A 381 5.85 18.69 3.18
C ALA A 381 7.24 19.21 2.78
N ASP A 382 8.31 18.73 3.42
CA ASP A 382 9.66 19.23 3.19
C ASP A 382 10.39 18.56 2.01
N ARG A 383 9.76 17.59 1.33
CA ARG A 383 10.40 16.92 0.20
C ARG A 383 10.54 17.86 -1.00
N TYR A 384 11.51 17.54 -1.86
CA TYR A 384 11.74 18.27 -3.10
C TYR A 384 10.63 17.99 -4.09
N SER A 385 10.06 19.04 -4.67
CA SER A 385 8.99 18.88 -5.66
C SER A 385 9.60 18.85 -7.05
N LEU A 386 9.60 17.68 -7.70
CA LEU A 386 10.22 17.50 -9.02
C LEU A 386 9.44 18.18 -10.14
N SER A 387 10.17 18.77 -11.09
CA SER A 387 9.56 19.15 -12.37
C SER A 387 9.43 17.90 -13.21
N MET A 388 8.63 17.99 -14.26
CA MET A 388 8.49 16.85 -15.16
C MET A 388 9.82 16.54 -15.90
N GLU A 389 10.59 17.59 -16.18
CA GLU A 389 11.92 17.46 -16.77
C GLU A 389 12.88 16.67 -15.85
N GLU A 390 12.89 17.02 -14.57
CA GLU A 390 13.71 16.32 -13.59
C GLU A 390 13.27 14.86 -13.45
N TYR A 391 11.96 14.64 -13.38
CA TYR A 391 11.40 13.29 -13.27
C TYR A 391 11.83 12.40 -14.44
N GLU A 392 11.69 12.92 -15.66
CA GLU A 392 12.11 12.14 -16.83
C GLU A 392 13.62 11.84 -16.81
N GLN A 393 14.43 12.80 -16.38
CA GLN A 393 15.86 12.57 -16.26
C GLN A 393 16.12 11.48 -15.21
N LEU A 394 15.39 11.58 -14.09
CA LEU A 394 15.53 10.59 -13.00
C LEU A 394 15.28 9.19 -13.52
N LEU A 395 14.19 8.98 -14.26
CA LEU A 395 13.91 7.67 -14.87
C LEU A 395 15.06 7.18 -15.74
N TYR A 396 15.54 8.06 -16.61
CA TYR A 396 16.66 7.73 -17.49
C TYR A 396 17.92 7.33 -16.70
N HIS A 397 18.20 8.05 -15.63
CA HIS A 397 19.42 7.82 -14.84
CA HIS A 397 19.45 7.85 -14.85
C HIS A 397 19.34 6.58 -13.96
N SER A 398 18.13 6.08 -13.72
CA SER A 398 17.88 4.91 -12.84
C SER A 398 18.45 3.57 -13.32
N SER A 399 18.69 3.42 -14.63
CA SER A 399 19.33 2.18 -15.16
C SER A 399 20.70 1.84 -14.57
N ALA A 400 21.42 2.85 -14.12
CA ALA A 400 22.73 2.62 -13.55
C ALA A 400 22.73 1.81 -12.25
N VAL A 401 21.58 1.73 -11.56
CA VAL A 401 21.44 0.98 -10.33
C VAL A 401 20.36 -0.10 -10.51
N ALA A 402 20.21 -0.60 -11.73
CA ALA A 402 19.29 -1.75 -11.99
C ALA A 402 19.67 -2.95 -11.14
N PHE A 403 18.70 -3.83 -10.92
CA PHE A 403 18.97 -5.13 -10.32
C PHE A 403 20.11 -5.81 -11.02
N GLY A 404 21.02 -6.36 -10.22
CA GLY A 404 22.15 -7.14 -10.73
C GLY A 404 23.42 -6.34 -11.00
N THR A 405 23.37 -5.03 -10.76
CA THR A 405 24.52 -4.16 -10.93
C THR A 405 25.69 -4.62 -10.05
N ARG A 406 26.84 -4.81 -10.69
CA ARG A 406 28.05 -5.26 -9.98
C ARG A 406 28.85 -4.07 -9.41
N ASN A 407 29.00 -3.00 -10.19
CA ASN A 407 29.79 -1.82 -9.77
C ASN A 407 29.11 -0.55 -10.24
N VAL A 408 28.91 0.38 -9.33
CA VAL A 408 28.44 1.72 -9.70
C VAL A 408 28.90 2.68 -8.62
N THR A 409 29.24 3.91 -9.00
CA THR A 409 29.60 4.96 -8.05
C THR A 409 28.64 6.10 -8.26
N LEU A 410 27.79 6.39 -7.28
CA LEU A 410 26.73 7.39 -7.50
C LEU A 410 27.25 8.84 -7.49
N ASP A 411 26.71 9.63 -8.41
CA ASP A 411 26.85 11.08 -8.39
C ASP A 411 25.73 11.74 -7.57
N TYR A 412 26.08 12.15 -6.38
CA TYR A 412 25.15 12.83 -5.51
C TYR A 412 24.68 14.18 -6.06
N GLN A 413 25.45 14.76 -6.98
CA GLN A 413 25.09 16.02 -7.58
C GLN A 413 24.35 15.87 -8.90
N LEU A 414 23.72 14.72 -9.11
CA LEU A 414 22.77 14.58 -10.22
C LEU A 414 21.80 15.76 -10.28
N PHE A 415 21.10 16.01 -9.18
CA PHE A 415 20.22 17.16 -9.03
C PHE A 415 20.71 17.94 -7.81
N PRO A 416 21.51 18.99 -8.03
CA PRO A 416 22.06 19.78 -6.89
C PRO A 416 20.99 20.23 -5.90
N GLY A 417 19.83 20.63 -6.39
CA GLY A 417 18.74 21.11 -5.51
C GLY A 417 18.13 20.06 -4.63
N VAL A 418 18.04 18.83 -5.13
CA VAL A 418 17.56 17.71 -4.34
C VAL A 418 18.57 17.45 -3.24
N TRP A 419 19.86 17.50 -3.57
CA TRP A 419 20.87 17.23 -2.56
C TRP A 419 20.82 18.23 -1.40
N LYS A 420 20.60 19.50 -1.73
CA LYS A 420 20.52 20.55 -0.71
C LYS A 420 19.44 20.24 0.34
N LYS A 421 18.35 19.58 -0.07
CA LYS A 421 17.29 19.14 0.84
C LYS A 421 17.69 17.95 1.75
N ILE A 422 18.57 17.08 1.26
CA ILE A 422 19.01 15.88 1.99
C ILE A 422 20.20 16.16 2.92
N ALA A 423 21.18 16.93 2.43
CA ALA A 423 22.46 17.11 3.13
C ALA A 423 22.27 17.78 4.48
N GLY A 424 22.85 17.19 5.52
CA GLY A 424 22.79 17.77 6.88
C GLY A 424 21.63 17.25 7.70
N LYS A 425 20.82 16.34 7.15
CA LYS A 425 19.66 15.82 7.88
C LYS A 425 19.87 14.48 8.55
N GLY A 426 21.04 13.88 8.42
CA GLY A 426 21.30 12.58 9.00
C GLY A 426 20.55 11.47 8.28
N ARG A 427 20.58 11.55 6.95
CA ARG A 427 19.94 10.60 6.03
CA ARG A 427 19.92 10.57 6.09
C ARG A 427 20.94 9.58 5.54
N LEU A 428 20.53 8.33 5.42
CA LEU A 428 21.34 7.35 4.75
C LEU A 428 21.05 7.38 3.24
N VAL A 429 22.12 7.30 2.46
CA VAL A 429 22.05 7.17 1.01
C VAL A 429 22.95 6.01 0.54
N LEU A 430 22.65 5.54 -0.66
CA LEU A 430 23.49 4.56 -1.37
C LEU A 430 24.65 5.28 -2.05
N LYS A 431 25.88 5.00 -1.59
CA LYS A 431 27.08 5.62 -2.12
C LYS A 431 27.61 4.91 -3.36
N ALA A 432 27.60 3.58 -3.32
CA ALA A 432 28.23 2.79 -4.37
C ALA A 432 27.82 1.34 -4.23
N ILE A 433 28.02 0.59 -5.30
CA ILE A 433 28.05 -0.86 -5.26
C ILE A 433 29.43 -1.26 -5.75
N LYS A 434 30.11 -2.11 -5.00
CA LYS A 434 31.47 -2.54 -5.36
C LYS A 434 31.52 -4.04 -5.27
N GLU A 435 31.66 -4.69 -6.41
CA GLU A 435 31.61 -6.14 -6.50
C GLU A 435 30.39 -6.70 -5.76
N PHE A 436 29.23 -6.13 -6.12
CA PHE A 436 27.91 -6.46 -5.55
C PHE A 436 27.67 -6.01 -4.13
N HIS A 437 28.69 -5.52 -3.42
CA HIS A 437 28.53 -5.07 -2.04
C HIS A 437 28.04 -3.64 -2.03
N ARG A 438 26.88 -3.42 -1.41
CA ARG A 438 26.31 -2.07 -1.35
C ARG A 438 26.92 -1.31 -0.20
N LYS A 439 27.35 -0.09 -0.49
CA LYS A 439 27.97 0.79 0.50
C LYS A 439 27.06 1.99 0.68
N TYR A 440 26.79 2.31 1.94
CA TYR A 440 25.91 3.41 2.31
C TYR A 440 26.65 4.47 3.10
N GLU A 441 26.10 5.68 3.10
CA GLU A 441 26.74 6.85 3.77
C GLU A 441 25.66 7.68 4.46
N TRP A 442 25.99 8.18 5.65
CA TRP A 442 25.18 9.14 6.35
C TRP A 442 25.55 10.52 5.85
N VAL A 443 24.59 11.29 5.38
CA VAL A 443 24.86 12.60 4.80
C VAL A 443 24.01 13.70 5.45
N MET B 25 -31.74 -16.20 -18.18
CA MET B 25 -31.49 -14.94 -18.96
C MET B 25 -30.45 -15.15 -20.07
N SER B 26 -30.59 -14.42 -21.16
CA SER B 26 -29.75 -14.59 -22.37
C SER B 26 -28.68 -13.51 -22.52
N LYS B 27 -27.79 -13.73 -23.48
CA LYS B 27 -26.71 -12.79 -23.82
C LYS B 27 -27.20 -11.39 -24.15
N GLU B 28 -28.34 -11.31 -24.81
CA GLU B 28 -28.86 -10.04 -25.31
C GLU B 28 -29.59 -9.27 -24.21
N GLN B 29 -30.31 -9.98 -23.35
CA GLN B 29 -30.93 -9.40 -22.15
C GLN B 29 -29.86 -8.85 -21.19
N VAL B 30 -28.75 -9.55 -21.08
CA VAL B 30 -27.69 -9.12 -20.14
C VAL B 30 -27.00 -7.86 -20.68
N LEU B 31 -26.76 -7.82 -21.99
CA LEU B 31 -26.18 -6.65 -22.64
C LEU B 31 -27.01 -5.39 -22.39
N LYS B 32 -28.33 -5.52 -22.42
CA LYS B 32 -29.18 -4.39 -22.04
C LYS B 32 -28.95 -3.90 -20.61
N ILE B 33 -28.79 -4.83 -19.67
CA ILE B 33 -28.54 -4.50 -18.26
C ILE B 33 -27.17 -3.84 -18.07
N ILE B 34 -26.18 -4.30 -18.83
CA ILE B 34 -24.84 -3.69 -18.83
C ILE B 34 -24.92 -2.26 -19.37
N LYS B 35 -25.72 -2.05 -20.42
CA LYS B 35 -25.90 -0.70 -20.97
C LYS B 35 -26.56 0.25 -19.98
N LYS B 36 -27.51 -0.26 -19.20
CA LYS B 36 -28.23 0.55 -18.22
C LYS B 36 -27.32 1.12 -17.14
N TYR B 37 -26.53 0.25 -16.50
CA TYR B 37 -25.65 0.70 -15.41
C TYR B 37 -24.47 1.51 -15.94
N THR B 38 -24.02 1.22 -17.17
CA THR B 38 -23.02 2.04 -17.86
C THR B 38 -23.51 3.49 -18.00
N ARG B 39 -24.73 3.67 -18.52
CA ARG B 39 -25.34 5.00 -18.60
C ARG B 39 -25.60 5.62 -17.23
N GLU B 40 -25.95 4.81 -16.24
CA GLU B 40 -26.15 5.28 -14.86
C GLU B 40 -24.83 5.79 -14.23
N ILE B 41 -23.72 5.14 -14.59
CA ILE B 41 -22.39 5.51 -14.13
C ILE B 41 -21.79 6.68 -14.93
N ALA B 42 -22.03 6.69 -16.24
CA ALA B 42 -21.58 7.77 -17.11
C ALA B 42 -22.80 8.42 -17.76
N PRO B 43 -23.48 9.36 -17.05
CA PRO B 43 -24.64 10.09 -17.58
C PRO B 43 -24.46 10.74 -18.95
N GLU B 44 -23.24 11.13 -19.31
CA GLU B 44 -22.94 11.67 -20.64
C GLU B 44 -23.17 10.69 -21.80
N LEU B 45 -23.24 9.39 -21.49
CA LEU B 45 -23.59 8.35 -22.48
C LEU B 45 -25.08 8.00 -22.52
N GLU B 46 -25.91 8.77 -21.82
CA GLU B 46 -27.35 8.51 -21.73
C GLU B 46 -28.04 8.43 -23.10
N ASP B 47 -27.67 9.34 -24.00
CA ASP B 47 -28.25 9.42 -25.33
C ASP B 47 -27.26 8.96 -26.42
N SER B 48 -26.33 8.07 -26.07
CA SER B 48 -25.31 7.57 -27.00
C SER B 48 -25.62 6.13 -27.37
N PRO B 49 -25.47 5.75 -28.66
CA PRO B 49 -25.63 4.35 -29.03
C PRO B 49 -24.39 3.56 -28.61
N LEU B 50 -24.60 2.49 -27.86
CA LEU B 50 -23.52 1.61 -27.40
C LEU B 50 -23.58 0.30 -28.18
N GLU B 51 -22.46 -0.06 -28.81
CA GLU B 51 -22.35 -1.30 -29.58
C GLU B 51 -21.66 -2.40 -28.75
N PRO B 52 -21.91 -3.68 -29.09
CA PRO B 52 -21.23 -4.80 -28.42
C PRO B 52 -19.70 -4.72 -28.44
N THR B 53 -19.13 -4.14 -29.50
CA THR B 53 -17.68 -3.99 -29.62
C THR B 53 -17.10 -2.80 -28.84
N ASP B 54 -17.94 -1.98 -28.22
CA ASP B 54 -17.44 -0.87 -27.40
C ASP B 54 -16.85 -1.38 -26.10
N SER B 55 -15.76 -0.76 -25.68
CA SER B 55 -15.08 -1.14 -24.46
C SER B 55 -15.30 -0.01 -23.45
N LEU B 56 -15.50 -0.39 -22.19
CA LEU B 56 -15.74 0.57 -21.12
C LEU B 56 -14.57 1.54 -20.99
N LYS B 57 -13.35 1.00 -21.10
CA LYS B 57 -12.14 1.83 -21.08
C LYS B 57 -12.16 2.90 -22.19
N LYS B 58 -12.41 2.50 -23.43
CA LYS B 58 -12.44 3.47 -24.56
C LYS B 58 -13.63 4.45 -24.49
N LEU B 59 -14.74 4.03 -23.87
CA LEU B 59 -15.84 4.95 -23.49
C LEU B 59 -15.50 5.97 -22.38
N GLY B 60 -14.32 5.87 -21.77
CA GLY B 60 -13.88 6.81 -20.72
C GLY B 60 -14.30 6.41 -19.32
N ILE B 61 -14.64 5.15 -19.08
CA ILE B 61 -15.06 4.72 -17.76
C ILE B 61 -13.83 4.27 -16.99
N ASP B 62 -13.62 4.87 -15.82
CA ASP B 62 -12.38 4.69 -15.07
C ASP B 62 -12.33 3.35 -14.34
N SER B 63 -11.19 3.10 -13.70
CA SER B 63 -10.93 1.78 -13.16
C SER B 63 -11.94 1.36 -12.09
N VAL B 64 -12.28 2.29 -11.21
CA VAL B 64 -13.19 2.01 -10.13
C VAL B 64 -14.60 1.73 -10.70
N ASN B 65 -15.02 2.57 -11.63
CA ASN B 65 -16.35 2.48 -12.20
C ASN B 65 -16.54 1.26 -13.11
N ARG B 66 -15.47 0.78 -13.75
CA ARG B 66 -15.58 -0.48 -14.51
C ARG B 66 -15.92 -1.64 -13.60
N ALA B 67 -15.25 -1.71 -12.45
CA ALA B 67 -15.62 -2.70 -11.43
C ALA B 67 -17.03 -2.51 -10.86
N GLU B 68 -17.43 -1.25 -10.66
CA GLU B 68 -18.76 -0.93 -10.13
C GLU B 68 -19.86 -1.47 -11.06
N ILE B 69 -19.66 -1.28 -12.37
CA ILE B 69 -20.64 -1.77 -13.36
C ILE B 69 -20.81 -3.29 -13.25
N ILE B 70 -19.69 -4.00 -13.14
CA ILE B 70 -19.74 -5.44 -12.97
C ILE B 70 -20.53 -5.82 -11.72
N MET B 71 -20.26 -5.14 -10.61
CA MET B 71 -20.90 -5.49 -9.35
C MET B 71 -22.41 -5.16 -9.37
N MET B 72 -22.77 -4.06 -10.02
CA MET B 72 -24.21 -3.72 -10.20
C MET B 72 -24.95 -4.78 -11.02
N VAL B 73 -24.33 -5.23 -12.11
CA VAL B 73 -24.93 -6.28 -12.94
C VAL B 73 -25.04 -7.59 -12.16
N MET B 74 -23.99 -7.96 -11.41
CA MET B 74 -24.01 -9.15 -10.57
C MET B 74 -25.18 -9.14 -9.59
N GLU B 75 -25.35 -7.98 -8.93
CA GLU B 75 -26.43 -7.79 -7.95
C GLU B 75 -27.83 -7.81 -8.60
N ASP B 76 -27.99 -7.15 -9.74
CA ASP B 76 -29.24 -7.19 -10.54
C ASP B 76 -29.65 -8.63 -10.87
N LEU B 77 -28.67 -9.46 -11.24
CA LEU B 77 -28.89 -10.85 -11.62
C LEU B 77 -28.82 -11.83 -10.44
N SER B 78 -28.66 -11.34 -9.21
CA SER B 78 -28.46 -12.19 -8.03
C SER B 78 -27.39 -13.26 -8.24
N LEU B 79 -26.28 -12.85 -8.87
CA LEU B 79 -25.21 -13.78 -9.19
C LEU B 79 -24.17 -13.64 -8.10
N ASN B 80 -24.18 -14.59 -7.16
CA ASN B 80 -23.31 -14.52 -5.99
C ASN B 80 -22.09 -15.46 -6.13
N ILE B 81 -21.18 -15.07 -7.02
CA ILE B 81 -19.99 -15.84 -7.33
C ILE B 81 -18.80 -14.88 -7.18
N PRO B 82 -17.56 -15.40 -7.22
CA PRO B 82 -16.43 -14.47 -7.10
C PRO B 82 -16.42 -13.45 -8.24
N ARG B 83 -16.16 -12.18 -7.90
CA ARG B 83 -16.08 -11.11 -8.88
C ARG B 83 -15.06 -11.33 -9.96
N ILE B 84 -13.97 -12.02 -9.63
CA ILE B 84 -12.94 -12.27 -10.63
C ILE B 84 -13.42 -13.14 -11.80
N GLU B 85 -14.51 -13.87 -11.61
CA GLU B 85 -15.05 -14.71 -12.70
C GLU B 85 -15.62 -13.86 -13.85
N LEU B 86 -15.82 -12.57 -13.62
CA LEU B 86 -16.29 -11.64 -14.66
C LEU B 86 -15.17 -10.81 -15.27
N ALA B 87 -13.91 -11.10 -14.92
CA ALA B 87 -12.76 -10.39 -15.46
C ALA B 87 -12.43 -10.86 -16.86
N GLY B 88 -11.65 -10.05 -17.56
CA GLY B 88 -10.97 -10.48 -18.77
C GLY B 88 -11.68 -10.13 -20.08
N ALA B 89 -12.87 -9.55 -20.00
CA ALA B 89 -13.60 -9.16 -21.20
C ALA B 89 -12.97 -7.93 -21.83
N LYS B 90 -12.94 -7.88 -23.16
CA LYS B 90 -12.37 -6.72 -23.88
C LYS B 90 -13.42 -5.76 -24.41
N ASN B 91 -14.69 -6.13 -24.36
CA ASN B 91 -15.76 -5.22 -24.71
C ASN B 91 -17.03 -5.63 -23.98
N ILE B 92 -18.09 -4.84 -24.10
CA ILE B 92 -19.34 -5.13 -23.35
C ILE B 92 -20.05 -6.38 -23.85
N GLY B 93 -19.89 -6.68 -25.14
CA GLY B 93 -20.42 -7.89 -25.74
C GLY B 93 -19.82 -9.14 -25.11
N GLU B 94 -18.50 -9.15 -24.95
CA GLU B 94 -17.81 -10.24 -24.26
C GLU B 94 -18.21 -10.31 -22.78
N LEU B 95 -18.40 -9.15 -22.12
CA LEU B 95 -18.87 -9.16 -20.72
C LEU B 95 -20.23 -9.82 -20.62
N ALA B 96 -21.11 -9.47 -21.53
CA ALA B 96 -22.44 -10.10 -21.64
C ALA B 96 -22.33 -11.62 -21.76
N ASP B 97 -21.39 -12.11 -22.58
CA ASP B 97 -21.14 -13.56 -22.76
C ASP B 97 -20.72 -14.23 -21.47
N LEU B 98 -19.83 -13.55 -20.72
CA LEU B 98 -19.36 -14.08 -19.44
C LEU B 98 -20.50 -14.26 -18.47
N PHE B 99 -21.33 -13.23 -18.31
CA PHE B 99 -22.49 -13.31 -17.43
C PHE B 99 -23.48 -14.41 -17.85
N ALA B 100 -23.77 -14.47 -19.15
CA ALA B 100 -24.69 -15.48 -19.70
C ALA B 100 -24.24 -16.92 -19.37
N ALA B 101 -22.94 -17.18 -19.49
CA ALA B 101 -22.38 -18.49 -19.17
C ALA B 101 -22.51 -18.91 -17.70
N LYS B 102 -22.60 -17.95 -16.78
CA LYS B 102 -22.72 -18.23 -15.34
C LYS B 102 -24.14 -18.53 -14.88
N LEU B 103 -25.13 -17.95 -15.55
CA LEU B 103 -26.54 -18.39 -15.49
C LEU B 103 -27.37 -17.58 -16.47
#